data_6V9C
#
_entry.id   6V9C
#
_cell.length_a   44.067
_cell.length_b   58.670
_cell.length_c   60.747
_cell.angle_alpha   90.000
_cell.angle_beta   97.570
_cell.angle_gamma   90.000
#
_symmetry.space_group_name_H-M   'P 1 21 1'
#
loop_
_entity.id
_entity.type
_entity.pdbx_description
1 polymer 'Fibroblast growth factor receptor 4'
2 non-polymer N-[(3R,4S)-4-{[6-(2,6-dichloro-3,5-dimethoxyphenyl)-8-methyl-7-oxo-7,8-dihydropyrido[2,3-d]pyrimidin-2-yl]amino}oxolan-3-yl]prop-2-enamide
3 non-polymer 'SULFATE ION'
4 water water
#
_entity_poly.entity_id   1
_entity_poly.type   'polypeptide(L)'
_entity_poly.pdbx_seq_one_letter_code
;MVSLDLPLDPLWEFPRDRLVLGKPLGEGCFGQVVRAEAFGMDPARPDQASTVAVKMLKDNASDKDLADLVSEMEVMKLIG
RHKNIINLLGVCTQEGPLYVIVECAAKGNLREFLRARRPPGSSEGPLSFPVLVSCAYQVARGMQYLESRKCIHRDLAARN
VLVTEDNVMKIADFGLARGVHHIDYYKKTSNGRLPVKWMAPEALFDRVYTHQSDVWSFGILLWEIFTLGGSPYPGIPVEE
LFSLLREGHRMDRPPHCPPELYGLMRECWHAAPSQRPTFKQLVEALDKVLLAVSHHHHHH
;
_entity_poly.pdbx_strand_id   A
#
# COMPACT_ATOMS: atom_id res chain seq x y z
N ASP A 5 17.08 3.65 26.87
CA ASP A 5 15.99 2.75 26.51
C ASP A 5 16.28 1.91 25.26
N LEU A 6 16.66 2.56 24.13
CA LEU A 6 16.95 1.85 22.88
C LEU A 6 18.37 2.10 22.37
N PRO A 7 18.99 1.17 21.60
CA PRO A 7 20.35 1.44 21.11
C PRO A 7 20.41 2.52 20.04
N LEU A 8 21.54 3.24 20.00
CA LEU A 8 21.76 4.30 19.03
C LEU A 8 22.21 3.72 17.69
N ASP A 9 21.47 4.04 16.63
CA ASP A 9 21.84 3.64 15.27
C ASP A 9 22.20 4.95 14.57
N PRO A 10 23.52 5.29 14.51
CA PRO A 10 23.91 6.58 13.93
C PRO A 10 23.55 6.77 12.47
N LEU A 11 23.28 5.67 11.74
CA LEU A 11 22.87 5.72 10.34
C LEU A 11 21.46 6.29 10.19
N TRP A 12 20.59 6.08 11.19
CA TRP A 12 19.19 6.49 11.12
C TRP A 12 18.73 7.56 12.12
N GLU A 13 19.47 7.79 13.20
CA GLU A 13 19.12 8.79 14.22
C GLU A 13 18.99 10.19 13.64
N PHE A 14 17.84 10.80 13.90
CA PHE A 14 17.53 12.16 13.49
C PHE A 14 17.30 12.97 14.77
N PRO A 15 17.87 14.19 14.92
CA PRO A 15 17.66 14.96 16.17
C PRO A 15 16.20 15.35 16.33
N ARG A 16 15.60 14.97 17.47
CA ARG A 16 14.18 15.25 17.73
C ARG A 16 13.84 16.74 17.80
N ASP A 17 14.81 17.61 18.21
CA ASP A 17 14.59 19.07 18.26
C ASP A 17 14.51 19.70 16.87
N ARG A 18 14.82 18.92 15.81
CA ARG A 18 14.71 19.35 14.42
C ARG A 18 13.37 18.94 13.78
N LEU A 19 12.46 18.38 14.62
CA LEU A 19 11.10 18.01 14.24
C LEU A 19 10.12 18.98 14.89
N VAL A 20 9.14 19.46 14.13
CA VAL A 20 8.04 20.30 14.62
C VAL A 20 6.79 19.44 14.42
N LEU A 21 6.28 18.82 15.50
CA LEU A 21 5.08 17.98 15.47
C LEU A 21 3.84 18.79 15.19
N GLY A 22 3.00 18.26 14.31
CA GLY A 22 1.77 18.93 13.90
C GLY A 22 0.52 18.09 14.05
N LYS A 23 -0.37 18.22 13.04
CA LYS A 23 -1.71 17.61 12.93
C LYS A 23 -1.71 16.07 13.03
N PRO A 24 -2.67 15.49 13.80
CA PRO A 24 -2.80 14.01 13.84
C PRO A 24 -3.23 13.47 12.48
N LEU A 25 -2.70 12.30 12.08
CA LEU A 25 -3.01 11.66 10.80
C LEU A 25 -3.74 10.32 10.95
N GLY A 26 -3.65 9.72 12.13
CA GLY A 26 -4.30 8.43 12.41
C GLY A 26 -3.95 7.83 13.75
N GLU A 27 -4.52 6.64 14.04
CA GLU A 27 -4.32 5.90 15.29
C GLU A 27 -4.55 4.40 15.13
N GLY A 31 -0.34 2.22 17.87
CA GLY A 31 0.40 3.46 17.69
C GLY A 31 -0.40 4.58 17.08
N GLN A 32 0.15 5.82 17.10
CA GLN A 32 -0.50 7.00 16.52
C GLN A 32 0.47 7.73 15.58
N VAL A 33 -0.08 8.32 14.50
CA VAL A 33 0.69 8.99 13.46
C VAL A 33 0.37 10.49 13.42
N VAL A 34 1.40 11.35 13.31
CA VAL A 34 1.20 12.80 13.19
C VAL A 34 2.01 13.32 12.01
N ARG A 35 1.51 14.41 11.40
CA ARG A 35 2.22 15.14 10.37
C ARG A 35 3.29 15.96 11.12
N ALA A 36 4.43 16.22 10.48
CA ALA A 36 5.49 17.01 11.11
C ALA A 36 6.31 17.70 10.05
N GLU A 37 7.06 18.70 10.49
CA GLU A 37 8.00 19.42 9.63
C GLU A 37 9.37 19.00 10.15
N ALA A 38 10.26 18.54 9.26
CA ALA A 38 11.62 18.16 9.65
C ALA A 38 12.63 19.09 9.01
N PHE A 39 13.58 19.62 9.78
CA PHE A 39 14.60 20.49 9.20
C PHE A 39 15.87 19.70 8.88
N GLY A 40 16.29 19.78 7.63
CA GLY A 40 17.52 19.15 7.17
C GLY A 40 17.48 17.64 7.07
N MET A 41 16.32 17.07 6.68
CA MET A 41 16.18 15.62 6.49
C MET A 41 17.03 15.20 5.28
N ASP A 42 17.14 16.07 4.26
CA ASP A 42 17.97 15.84 3.08
C ASP A 42 19.39 16.35 3.35
N PRO A 43 20.43 15.47 3.31
CA PRO A 43 21.80 15.94 3.57
C PRO A 43 22.35 16.98 2.59
N ALA A 44 21.77 17.06 1.38
CA ALA A 44 22.17 18.05 0.36
C ALA A 44 21.56 19.44 0.65
N ARG A 45 20.47 19.50 1.48
CA ARG A 45 19.75 20.72 1.88
C ARG A 45 19.74 20.78 3.42
N PRO A 46 20.84 21.25 4.08
CA PRO A 46 20.97 21.15 5.55
C PRO A 46 19.96 21.83 6.49
N ASP A 47 19.26 22.89 6.06
CA ASP A 47 18.33 23.58 6.99
C ASP A 47 16.93 23.70 6.40
N GLN A 48 16.67 23.00 5.30
CA GLN A 48 15.37 23.06 4.63
C GLN A 48 14.33 22.18 5.27
N ALA A 49 13.08 22.68 5.31
CA ALA A 49 11.94 21.98 5.87
C ALA A 49 11.33 20.99 4.87
N SER A 50 10.88 19.85 5.38
CA SER A 50 10.14 18.87 4.58
C SER A 50 9.03 18.37 5.45
N THR A 51 7.89 17.98 4.84
CA THR A 51 6.73 17.47 5.56
C THR A 51 6.87 15.96 5.64
N VAL A 52 6.83 15.43 6.85
CA VAL A 52 7.02 14.00 7.08
C VAL A 52 5.86 13.44 7.93
N ALA A 53 5.79 12.12 8.05
CA ALA A 53 4.82 11.45 8.89
C ALA A 53 5.62 10.78 10.01
N VAL A 54 5.16 10.94 11.26
CA VAL A 54 5.86 10.44 12.42
C VAL A 54 4.95 9.46 13.17
N LYS A 55 5.40 8.19 13.33
CA LYS A 55 4.67 7.18 14.11
C LYS A 55 5.24 7.16 15.51
N MET A 56 4.36 7.02 16.51
CA MET A 56 4.79 7.02 17.90
C MET A 56 3.80 6.18 18.71
N LEU A 57 4.13 5.96 19.98
CA LEU A 57 3.26 5.21 20.89
C LEU A 57 2.20 6.14 21.47
N LYS A 58 1.07 5.57 21.89
CA LYS A 58 0.00 6.29 22.59
C LYS A 58 0.48 6.49 24.04
N ASP A 59 -0.12 7.43 24.78
CA ASP A 59 0.26 7.77 26.18
C ASP A 59 0.29 6.59 27.16
N ASN A 60 -0.64 5.64 26.99
CA ASN A 60 -0.78 4.47 27.87
C ASN A 60 -0.30 3.16 27.22
N ALA A 61 0.68 3.24 26.28
CA ALA A 61 1.21 2.06 25.59
C ALA A 61 1.88 1.04 26.50
N SER A 62 1.81 -0.24 26.11
CA SER A 62 2.40 -1.37 26.83
C SER A 62 3.77 -1.71 26.26
N ASP A 63 4.54 -2.58 26.97
CA ASP A 63 5.87 -3.02 26.52
C ASP A 63 5.79 -3.83 25.22
N LYS A 64 4.60 -4.41 24.92
CA LYS A 64 4.34 -5.12 23.68
C LYS A 64 4.15 -4.12 22.53
N ASP A 65 3.49 -2.96 22.80
CA ASP A 65 3.27 -1.90 21.79
C ASP A 65 4.61 -1.30 21.36
N LEU A 66 5.56 -1.16 22.31
CA LEU A 66 6.90 -0.67 22.06
C LEU A 66 7.62 -1.66 21.13
N ALA A 67 7.56 -2.97 21.47
CA ALA A 67 8.16 -4.06 20.69
C ALA A 67 7.70 -4.05 19.25
N ASP A 68 6.37 -3.91 19.00
CA ASP A 68 5.80 -3.89 17.66
C ASP A 68 6.30 -2.67 16.88
N LEU A 69 6.35 -1.48 17.53
CA LEU A 69 6.83 -0.26 16.86
C LEU A 69 8.31 -0.37 16.49
N VAL A 70 9.14 -0.88 17.42
CA VAL A 70 10.59 -1.12 17.21
C VAL A 70 10.75 -2.13 16.07
N SER A 71 9.89 -3.18 16.02
CA SER A 71 9.92 -4.21 15.00
C SER A 71 9.58 -3.63 13.63
N GLU A 72 8.57 -2.74 13.56
CA GLU A 72 8.16 -2.08 12.31
C GLU A 72 9.35 -1.27 11.74
N MET A 73 9.98 -0.48 12.62
CA MET A 73 11.15 0.35 12.33
C MET A 73 12.31 -0.53 11.78
N GLU A 74 12.62 -1.66 12.45
CA GLU A 74 13.72 -2.54 12.03
C GLU A 74 13.48 -3.18 10.66
N VAL A 75 12.23 -3.59 10.38
CA VAL A 75 11.86 -4.19 9.10
C VAL A 75 12.04 -3.15 7.99
N MET A 76 11.63 -1.88 8.25
CA MET A 76 11.77 -0.79 7.28
C MET A 76 13.22 -0.49 6.96
N LYS A 77 14.10 -0.55 7.97
CA LYS A 77 15.54 -0.39 7.82
C LYS A 77 16.08 -1.47 6.87
N LEU A 78 15.73 -2.75 7.10
CA LEU A 78 16.16 -3.90 6.29
C LEU A 78 15.64 -3.90 4.87
N ILE A 79 14.35 -3.52 4.65
CA ILE A 79 13.76 -3.51 3.32
C ILE A 79 14.52 -2.56 2.37
N GLY A 80 14.95 -1.42 2.89
CA GLY A 80 15.68 -0.47 2.07
C GLY A 80 14.73 0.45 1.34
N ARG A 81 15.31 1.29 0.49
CA ARG A 81 14.60 2.34 -0.23
C ARG A 81 14.13 1.95 -1.64
N HIS A 82 12.93 2.43 -2.02
CA HIS A 82 12.37 2.32 -3.37
C HIS A 82 11.38 3.46 -3.61
N LYS A 83 11.38 4.03 -4.82
CA LYS A 83 10.50 5.13 -5.22
C LYS A 83 9.00 4.80 -5.03
N ASN A 84 8.58 3.52 -5.23
CA ASN A 84 7.17 3.18 -5.10
C ASN A 84 6.77 2.51 -3.77
N ILE A 85 7.47 2.85 -2.68
CA ILE A 85 7.12 2.42 -1.31
C ILE A 85 7.21 3.62 -0.37
N ILE A 86 6.52 3.56 0.77
CA ILE A 86 6.64 4.61 1.81
C ILE A 86 7.98 4.31 2.47
N ASN A 87 8.92 5.27 2.38
CA ASN A 87 10.26 5.04 2.92
C ASN A 87 10.48 5.57 4.30
N LEU A 88 11.33 4.87 5.05
CA LEU A 88 11.82 5.29 6.35
C LEU A 88 12.83 6.41 6.09
N LEU A 89 12.70 7.52 6.81
CA LEU A 89 13.57 8.68 6.64
C LEU A 89 14.52 8.87 7.83
N GLY A 90 14.05 8.55 9.02
CA GLY A 90 14.85 8.70 10.22
C GLY A 90 14.08 8.21 11.43
N VAL A 91 14.74 8.18 12.57
CA VAL A 91 14.19 7.68 13.83
C VAL A 91 14.69 8.57 14.96
N CYS A 92 13.93 8.69 16.05
CA CYS A 92 14.34 9.41 17.25
C CYS A 92 14.21 8.37 18.36
N THR A 93 15.34 7.84 18.85
CA THR A 93 15.33 6.78 19.87
C THR A 93 15.95 7.25 21.19
N GLN A 94 16.78 8.30 21.11
CA GLN A 94 17.55 8.85 22.22
C GLN A 94 16.93 10.07 22.86
N GLU A 95 17.06 10.15 24.22
CA GLU A 95 16.64 11.25 25.09
C GLU A 95 15.20 11.70 24.85
N GLY A 96 14.30 10.73 24.89
CA GLY A 96 12.89 10.97 24.72
C GLY A 96 12.11 9.84 24.08
N PRO A 97 10.83 10.11 23.73
CA PRO A 97 9.98 9.06 23.13
C PRO A 97 10.40 8.58 21.75
N LEU A 98 10.08 7.32 21.45
CA LEU A 98 10.41 6.71 20.16
C LEU A 98 9.54 7.26 19.04
N TYR A 99 10.21 7.85 18.04
CA TYR A 99 9.57 8.37 16.84
C TYR A 99 10.16 7.64 15.66
N VAL A 100 9.30 7.21 14.77
CA VAL A 100 9.68 6.56 13.52
C VAL A 100 9.19 7.50 12.43
N ILE A 101 10.14 8.07 11.69
CA ILE A 101 9.87 9.09 10.67
C ILE A 101 9.88 8.51 9.27
N VAL A 102 8.77 8.71 8.54
CA VAL A 102 8.61 8.20 7.17
C VAL A 102 8.13 9.30 6.22
N GLU A 103 8.11 9.02 4.91
CA GLU A 103 7.65 9.97 3.88
C GLU A 103 6.16 10.23 4.06
N CYS A 104 5.75 11.46 3.81
CA CYS A 104 4.33 11.86 3.92
C CYS A 104 3.82 12.10 2.51
N ALA A 105 2.78 11.34 2.09
CA ALA A 105 2.18 11.49 0.75
C ALA A 105 1.03 12.49 0.85
N ALA A 106 1.10 13.57 0.08
CA ALA A 106 0.14 14.68 0.15
C ALA A 106 -1.29 14.36 -0.29
N LYS A 107 -1.46 13.46 -1.26
CA LYS A 107 -2.80 13.24 -1.84
C LYS A 107 -3.59 12.05 -1.29
N GLY A 108 -3.18 11.49 -0.15
CA GLY A 108 -3.90 10.40 0.50
C GLY A 108 -3.86 9.06 -0.20
N ASN A 109 -4.70 8.11 0.26
CA ASN A 109 -4.71 6.78 -0.31
C ASN A 109 -5.29 6.77 -1.72
N LEU A 110 -4.86 5.79 -2.51
CA LEU A 110 -5.27 5.60 -3.91
C LEU A 110 -6.78 5.41 -4.06
N ARG A 111 -7.45 4.71 -3.12
CA ARG A 111 -8.90 4.51 -3.23
C ARG A 111 -9.58 5.88 -3.25
N GLU A 112 -9.29 6.74 -2.26
CA GLU A 112 -9.89 8.07 -2.19
C GLU A 112 -9.46 8.97 -3.36
N PHE A 113 -8.20 8.84 -3.81
CA PHE A 113 -7.67 9.56 -4.97
C PHE A 113 -8.52 9.25 -6.22
N LEU A 114 -8.82 7.96 -6.47
CA LEU A 114 -9.63 7.55 -7.64
C LEU A 114 -11.09 8.03 -7.54
N ARG A 115 -11.72 7.83 -6.37
CA ARG A 115 -13.11 8.20 -6.12
C ARG A 115 -13.37 9.69 -6.29
N ALA A 116 -12.41 10.53 -5.83
CA ALA A 116 -12.52 11.98 -5.95
C ALA A 116 -12.43 12.44 -7.41
N ARG A 117 -11.84 11.61 -8.29
CA ARG A 117 -11.70 11.93 -9.70
C ARG A 117 -12.74 11.24 -10.58
N ARG A 118 -13.84 10.75 -9.99
CA ARG A 118 -14.95 10.21 -10.78
C ARG A 118 -15.65 11.38 -11.50
N PRO A 119 -15.86 11.31 -12.83
CA PRO A 119 -16.51 12.43 -13.52
C PRO A 119 -18.03 12.47 -13.33
N PRO A 120 -18.65 13.67 -13.24
CA PRO A 120 -20.12 13.74 -13.09
C PRO A 120 -20.86 13.55 -14.41
N SER A 123 -19.59 12.33 -19.30
CA SER A 123 -18.46 13.25 -19.22
C SER A 123 -17.12 12.50 -18.99
N GLU A 124 -15.99 13.10 -19.38
CA GLU A 124 -14.70 12.43 -19.22
C GLU A 124 -13.95 12.91 -17.98
N GLY A 125 -13.43 11.95 -17.22
CA GLY A 125 -12.66 12.23 -16.02
C GLY A 125 -11.21 12.57 -16.33
N PRO A 126 -10.47 13.17 -15.37
CA PRO A 126 -9.06 13.51 -15.64
C PRO A 126 -8.15 12.29 -15.76
N LEU A 127 -8.52 11.15 -15.12
CA LEU A 127 -7.73 9.90 -15.13
C LEU A 127 -8.01 9.09 -16.38
N SER A 128 -7.35 9.47 -17.48
CA SER A 128 -7.48 8.76 -18.74
C SER A 128 -6.78 7.40 -18.62
N PHE A 129 -7.06 6.50 -19.57
CA PHE A 129 -6.51 5.15 -19.62
C PHE A 129 -4.98 5.07 -19.36
N PRO A 130 -4.08 5.83 -20.06
CA PRO A 130 -2.64 5.70 -19.76
C PRO A 130 -2.23 6.10 -18.36
N VAL A 131 -2.99 7.01 -17.71
CA VAL A 131 -2.75 7.44 -16.32
C VAL A 131 -3.12 6.25 -15.39
N LEU A 132 -4.23 5.58 -15.66
CA LEU A 132 -4.65 4.44 -14.85
C LEU A 132 -3.65 3.28 -14.99
N VAL A 133 -3.14 3.02 -16.20
CA VAL A 133 -2.14 1.96 -16.44
C VAL A 133 -0.85 2.32 -15.71
N SER A 134 -0.44 3.61 -15.78
CA SER A 134 0.77 4.10 -15.10
C SER A 134 0.65 3.89 -13.59
N CYS A 135 -0.52 4.20 -13.05
CA CYS A 135 -0.83 3.96 -11.65
C CYS A 135 -0.61 2.48 -11.25
N ALA A 136 -1.17 1.55 -12.06
CA ALA A 136 -1.05 0.12 -11.85
C ALA A 136 0.42 -0.32 -11.94
N TYR A 137 1.13 0.19 -12.97
CA TYR A 137 2.54 -0.13 -13.23
C TYR A 137 3.40 0.19 -12.00
N GLN A 138 3.22 1.39 -11.42
CA GLN A 138 3.99 1.85 -10.26
C GLN A 138 3.76 0.96 -9.04
N VAL A 139 2.50 0.53 -8.84
CA VAL A 139 2.14 -0.36 -7.74
C VAL A 139 2.85 -1.71 -7.93
N ALA A 140 2.85 -2.24 -9.17
CA ALA A 140 3.50 -3.51 -9.48
C ALA A 140 5.01 -3.37 -9.26
N ARG A 141 5.62 -2.24 -9.65
CA ARG A 141 7.06 -1.98 -9.44
C ARG A 141 7.42 -1.97 -7.94
N GLY A 142 6.55 -1.37 -7.14
CA GLY A 142 6.68 -1.32 -5.69
C GLY A 142 6.59 -2.70 -5.07
N MET A 143 5.65 -3.51 -5.56
CA MET A 143 5.47 -4.88 -5.09
C MET A 143 6.63 -5.77 -5.52
N GLN A 144 7.16 -5.55 -6.75
CA GLN A 144 8.30 -6.31 -7.26
C GLN A 144 9.50 -6.05 -6.34
N TYR A 145 9.73 -4.78 -5.93
CA TYR A 145 10.79 -4.42 -4.99
C TYR A 145 10.60 -5.13 -3.63
N LEU A 146 9.42 -5.00 -3.03
CA LEU A 146 9.13 -5.65 -1.75
C LEU A 146 9.34 -7.14 -1.78
N GLU A 147 8.92 -7.80 -2.90
CA GLU A 147 9.10 -9.25 -3.07
C GLU A 147 10.60 -9.60 -3.05
N SER A 148 11.43 -8.81 -3.76
CA SER A 148 12.89 -9.02 -3.83
C SER A 148 13.57 -8.84 -2.45
N ARG A 149 12.87 -8.17 -1.52
CA ARG A 149 13.32 -7.93 -0.15
C ARG A 149 12.62 -8.86 0.86
N LYS A 150 12.01 -9.95 0.32
CA LYS A 150 11.29 -11.02 1.02
C LYS A 150 10.12 -10.48 1.88
N CYS A 151 9.49 -9.40 1.40
CA CYS A 151 8.35 -8.81 2.08
C CYS A 151 7.04 -9.28 1.45
N ILE A 152 6.21 -9.98 2.25
CA ILE A 152 4.85 -10.41 1.85
C ILE A 152 3.94 -9.38 2.52
N HIS A 153 3.16 -8.61 1.72
CA HIS A 153 2.28 -7.55 2.23
C HIS A 153 1.13 -8.07 3.10
N ARG A 154 0.34 -9.04 2.58
CA ARG A 154 -0.80 -9.71 3.24
C ARG A 154 -2.11 -8.90 3.22
N ASP A 155 -2.08 -7.63 2.78
CA ASP A 155 -3.29 -6.83 2.66
C ASP A 155 -3.15 -5.75 1.58
N LEU A 156 -2.67 -6.15 0.41
CA LEU A 156 -2.49 -5.20 -0.69
C LEU A 156 -3.86 -4.79 -1.22
N ALA A 157 -4.12 -3.49 -1.27
CA ALA A 157 -5.40 -2.89 -1.68
C ALA A 157 -5.15 -1.44 -1.98
N ALA A 158 -6.03 -0.81 -2.78
CA ALA A 158 -5.88 0.61 -3.14
C ALA A 158 -5.86 1.52 -1.89
N ARG A 159 -6.52 1.11 -0.78
CA ARG A 159 -6.50 1.85 0.49
C ARG A 159 -5.08 1.79 1.13
N ASN A 160 -4.27 0.78 0.78
CA ASN A 160 -2.88 0.59 1.28
C ASN A 160 -1.80 1.04 0.25
N VAL A 161 -2.19 1.97 -0.62
CA VAL A 161 -1.29 2.63 -1.59
C VAL A 161 -1.50 4.12 -1.34
N LEU A 162 -0.41 4.89 -1.14
CA LEU A 162 -0.53 6.33 -0.92
C LEU A 162 -0.06 7.11 -2.15
N VAL A 163 -0.63 8.32 -2.36
CA VAL A 163 -0.35 9.12 -3.55
C VAL A 163 0.36 10.43 -3.16
N THR A 164 1.54 10.66 -3.74
CA THR A 164 2.32 11.88 -3.42
C THR A 164 1.76 13.08 -4.18
N GLU A 165 2.26 14.31 -3.85
CA GLU A 165 1.92 15.56 -4.54
C GLU A 165 2.19 15.45 -6.04
N ASP A 166 3.17 14.61 -6.45
CA ASP A 166 3.53 14.36 -7.85
C ASP A 166 2.85 13.12 -8.45
N ASN A 167 1.81 12.60 -7.78
CA ASN A 167 1.04 11.42 -8.24
C ASN A 167 1.88 10.14 -8.33
N VAL A 168 2.95 10.04 -7.50
CA VAL A 168 3.76 8.83 -7.42
C VAL A 168 3.04 7.86 -6.44
N MET A 169 2.86 6.60 -6.85
CA MET A 169 2.19 5.57 -6.05
C MET A 169 3.20 4.98 -5.06
N LYS A 170 2.83 4.94 -3.79
CA LYS A 170 3.71 4.37 -2.77
C LYS A 170 2.96 3.33 -1.95
N ILE A 171 3.48 2.09 -1.94
CA ILE A 171 2.91 1.00 -1.14
C ILE A 171 3.05 1.38 0.32
N ALA A 172 1.97 1.24 1.07
CA ALA A 172 1.95 1.58 2.48
C ALA A 172 1.72 0.35 3.32
N ASP A 173 2.07 0.43 4.61
CA ASP A 173 1.78 -0.58 5.64
C ASP A 173 2.22 -2.00 5.28
N PHE A 174 3.41 -2.11 4.71
CA PHE A 174 4.06 -3.36 4.33
C PHE A 174 5.02 -3.86 5.44
N GLY A 175 5.25 -3.02 6.46
CA GLY A 175 6.20 -3.28 7.54
C GLY A 175 5.77 -4.18 8.68
N LEU A 176 4.51 -4.67 8.64
CA LEU A 176 3.91 -5.55 9.65
C LEU A 176 4.57 -6.93 9.63
N ILE A 183 -3.57 -8.95 10.64
CA ILE A 183 -4.68 -8.00 10.72
C ILE A 183 -6.01 -8.75 10.88
N ASP A 184 -7.10 -8.03 11.19
CA ASP A 184 -8.41 -8.66 11.34
C ASP A 184 -9.17 -8.53 10.02
N TYR A 185 -9.11 -9.59 9.20
CA TYR A 185 -9.73 -9.62 7.86
C TYR A 185 -11.24 -9.57 7.87
N TYR A 186 -11.87 -10.01 8.97
CA TYR A 186 -13.32 -10.09 9.08
C TYR A 186 -14.00 -8.84 9.62
N LYS A 187 -13.21 -7.90 10.17
CA LYS A 187 -13.78 -6.67 10.69
C LYS A 187 -13.96 -5.65 9.56
N LYS A 188 -15.21 -5.17 9.40
CA LYS A 188 -15.57 -4.14 8.43
C LYS A 188 -15.01 -2.83 8.99
N THR A 189 -14.25 -2.08 8.18
CA THR A 189 -13.65 -0.82 8.63
C THR A 189 -14.72 0.29 8.71
N SER A 190 -14.36 1.46 9.33
CA SER A 190 -15.27 2.60 9.43
C SER A 190 -15.73 3.04 8.04
N ASN A 191 -14.84 2.95 7.02
CA ASN A 191 -15.15 3.29 5.63
C ASN A 191 -15.85 2.15 4.88
N GLY A 192 -16.27 1.11 5.61
CA GLY A 192 -17.01 -0.02 5.05
C GLY A 192 -16.18 -1.02 4.25
N ARG A 193 -14.86 -1.06 4.49
CA ARG A 193 -14.00 -2.01 3.79
C ARG A 193 -14.00 -3.37 4.49
N LEU A 194 -14.20 -4.45 3.72
CA LEU A 194 -14.12 -5.83 4.23
C LEU A 194 -12.87 -6.51 3.64
N PRO A 195 -11.73 -6.52 4.39
CA PRO A 195 -10.46 -7.04 3.85
C PRO A 195 -10.49 -8.48 3.28
N VAL A 196 -11.39 -9.36 3.74
CA VAL A 196 -11.55 -10.70 3.16
C VAL A 196 -11.70 -10.64 1.62
N LYS A 197 -12.30 -9.55 1.06
CA LYS A 197 -12.53 -9.40 -0.38
C LYS A 197 -11.24 -9.26 -1.23
N TRP A 198 -10.06 -9.07 -0.58
CA TRP A 198 -8.76 -8.96 -1.24
C TRP A 198 -7.90 -10.20 -1.04
N MET A 199 -8.35 -11.12 -0.19
CA MET A 199 -7.62 -12.34 0.16
C MET A 199 -7.64 -13.38 -0.95
N ALA A 200 -6.46 -13.97 -1.24
CA ALA A 200 -6.34 -15.07 -2.15
C ALA A 200 -7.10 -16.24 -1.49
N PRO A 201 -7.65 -17.18 -2.29
CA PRO A 201 -8.38 -18.31 -1.67
C PRO A 201 -7.54 -19.12 -0.72
N GLU A 202 -6.24 -19.34 -1.04
CA GLU A 202 -5.37 -20.13 -0.17
C GLU A 202 -5.09 -19.38 1.14
N ALA A 203 -5.17 -18.03 1.14
CA ALA A 203 -5.00 -17.25 2.36
C ALA A 203 -6.28 -17.32 3.21
N LEU A 204 -7.46 -17.04 2.59
CA LEU A 204 -8.79 -17.07 3.21
C LEU A 204 -9.15 -18.47 3.76
N PHE A 205 -9.14 -19.48 2.89
CA PHE A 205 -9.50 -20.83 3.26
C PHE A 205 -8.40 -21.62 3.96
N ASP A 206 -7.11 -21.43 3.60
CA ASP A 206 -6.06 -22.30 4.14
C ASP A 206 -4.93 -21.62 4.95
N ARG A 207 -5.05 -20.32 5.29
CA ARG A 207 -4.04 -19.57 6.08
C ARG A 207 -2.62 -19.53 5.44
N VAL A 208 -2.53 -19.71 4.12
CA VAL A 208 -1.25 -19.71 3.37
C VAL A 208 -1.04 -18.34 2.71
N TYR A 209 0.00 -17.60 3.14
CA TYR A 209 0.33 -16.29 2.58
C TYR A 209 1.70 -16.36 1.91
N THR A 210 1.77 -15.94 0.64
CA THR A 210 3.01 -15.96 -0.15
C THR A 210 3.02 -14.74 -1.03
N HIS A 211 4.07 -14.58 -1.84
CA HIS A 211 4.11 -13.49 -2.81
C HIS A 211 3.00 -13.71 -3.85
N GLN A 212 2.64 -14.98 -4.13
CA GLN A 212 1.59 -15.29 -5.10
C GLN A 212 0.19 -14.94 -4.54
N SER A 213 0.02 -14.92 -3.20
CA SER A 213 -1.26 -14.53 -2.64
C SER A 213 -1.40 -12.99 -2.75
N ASP A 214 -0.28 -12.25 -2.69
CA ASP A 214 -0.24 -10.79 -2.93
C ASP A 214 -0.56 -10.50 -4.40
N VAL A 215 -0.21 -11.43 -5.32
CA VAL A 215 -0.51 -11.30 -6.76
C VAL A 215 -2.01 -11.28 -6.93
N TRP A 216 -2.74 -12.16 -6.20
CA TRP A 216 -4.19 -12.20 -6.24
C TRP A 216 -4.75 -10.85 -5.82
N SER A 217 -4.31 -10.33 -4.64
CA SER A 217 -4.71 -9.02 -4.10
C SER A 217 -4.42 -7.90 -5.10
N PHE A 218 -3.31 -8.01 -5.84
CA PHE A 218 -2.96 -7.06 -6.89
C PHE A 218 -4.02 -7.03 -7.98
N GLY A 219 -4.57 -8.21 -8.34
CA GLY A 219 -5.65 -8.31 -9.32
C GLY A 219 -6.88 -7.55 -8.87
N ILE A 220 -7.20 -7.65 -7.57
CA ILE A 220 -8.35 -6.92 -6.98
C ILE A 220 -8.06 -5.42 -7.06
N LEU A 221 -6.83 -5.04 -6.71
CA LEU A 221 -6.36 -3.64 -6.76
C LEU A 221 -6.46 -3.12 -8.22
N LEU A 222 -6.11 -3.95 -9.24
CA LEU A 222 -6.26 -3.58 -10.66
C LEU A 222 -7.73 -3.28 -10.93
N TRP A 223 -8.64 -4.11 -10.39
CA TRP A 223 -10.08 -3.93 -10.57
C TRP A 223 -10.49 -2.59 -9.91
N GLU A 224 -9.98 -2.28 -8.69
CA GLU A 224 -10.25 -1.00 -7.99
C GLU A 224 -9.85 0.18 -8.88
N ILE A 225 -8.66 0.12 -9.47
CA ILE A 225 -8.17 1.18 -10.39
C ILE A 225 -9.12 1.40 -11.57
N PHE A 226 -9.50 0.32 -12.29
CA PHE A 226 -10.30 0.46 -13.49
C PHE A 226 -11.81 0.69 -13.22
N THR A 227 -12.23 0.72 -11.93
CA THR A 227 -13.58 1.09 -11.55
C THR A 227 -13.53 2.46 -10.82
N LEU A 228 -12.34 3.11 -10.80
CA LEU A 228 -12.14 4.39 -10.10
C LEU A 228 -12.53 4.27 -8.60
N GLY A 229 -12.01 3.23 -7.96
CA GLY A 229 -12.24 3.00 -6.54
C GLY A 229 -13.55 2.30 -6.22
N GLY A 230 -14.02 1.42 -7.11
CA GLY A 230 -15.22 0.65 -6.82
C GLY A 230 -14.92 -0.36 -5.72
N SER A 231 -15.94 -0.86 -5.04
CA SER A 231 -15.74 -1.84 -3.97
C SER A 231 -15.89 -3.24 -4.57
N PRO A 232 -14.87 -4.12 -4.39
CA PRO A 232 -14.90 -5.43 -5.04
C PRO A 232 -16.11 -6.28 -4.74
N TYR A 233 -16.48 -7.14 -5.73
CA TYR A 233 -17.67 -8.02 -5.69
C TYR A 233 -18.86 -7.08 -5.32
N PRO A 234 -19.13 -6.05 -6.17
CA PRO A 234 -20.15 -5.05 -5.80
C PRO A 234 -21.52 -5.59 -5.45
N GLY A 235 -22.01 -5.18 -4.28
CA GLY A 235 -23.30 -5.57 -3.74
C GLY A 235 -23.45 -7.03 -3.33
N ILE A 236 -22.33 -7.74 -3.12
CA ILE A 236 -22.36 -9.15 -2.72
C ILE A 236 -21.95 -9.27 -1.24
N PRO A 237 -22.83 -9.79 -0.35
CA PRO A 237 -22.44 -9.96 1.06
C PRO A 237 -21.38 -11.05 1.23
N VAL A 238 -20.54 -10.91 2.27
CA VAL A 238 -19.40 -11.79 2.60
C VAL A 238 -19.77 -13.29 2.63
N GLU A 239 -20.95 -13.65 3.14
CA GLU A 239 -21.38 -15.06 3.18
C GLU A 239 -21.58 -15.60 1.76
N GLU A 240 -22.13 -14.76 0.86
CA GLU A 240 -22.33 -15.09 -0.56
C GLU A 240 -20.97 -15.13 -1.30
N LEU A 241 -19.96 -14.36 -0.83
CA LEU A 241 -18.62 -14.34 -1.41
C LEU A 241 -17.94 -15.70 -1.26
N PHE A 242 -18.04 -16.32 -0.07
CA PHE A 242 -17.42 -17.64 0.19
C PHE A 242 -17.87 -18.70 -0.79
N SER A 243 -19.19 -18.80 -1.04
CA SER A 243 -19.75 -19.80 -1.96
C SER A 243 -19.31 -19.55 -3.39
N LEU A 244 -19.31 -18.27 -3.80
CA LEU A 244 -18.88 -17.85 -5.13
C LEU A 244 -17.41 -18.23 -5.34
N LEU A 245 -16.55 -18.01 -4.32
CA LEU A 245 -15.14 -18.39 -4.43
C LEU A 245 -14.95 -19.90 -4.52
N ARG A 246 -15.75 -20.70 -3.77
CA ARG A 246 -15.69 -22.15 -3.84
C ARG A 246 -16.12 -22.70 -5.22
N GLU A 247 -17.02 -21.99 -5.92
CA GLU A 247 -17.47 -22.37 -7.27
C GLU A 247 -16.52 -21.84 -8.36
N GLY A 248 -15.54 -21.02 -7.95
CA GLY A 248 -14.56 -20.43 -8.86
C GLY A 248 -15.12 -19.23 -9.62
N HIS A 249 -16.04 -18.49 -8.99
CA HIS A 249 -16.63 -17.27 -9.56
C HIS A 249 -15.56 -16.16 -9.52
N ARG A 250 -15.57 -15.33 -10.56
CA ARG A 250 -14.65 -14.21 -10.69
C ARG A 250 -15.46 -12.99 -11.09
N MET A 251 -15.00 -11.77 -10.74
CA MET A 251 -15.70 -10.56 -11.12
C MET A 251 -15.71 -10.44 -12.64
N ASP A 252 -16.77 -9.84 -13.19
CA ASP A 252 -16.93 -9.61 -14.62
C ASP A 252 -16.01 -8.47 -15.08
N ARG A 253 -15.81 -8.36 -16.41
CA ARG A 253 -15.03 -7.26 -16.97
C ARG A 253 -15.82 -5.98 -16.68
N PRO A 254 -15.25 -5.02 -15.92
CA PRO A 254 -16.02 -3.81 -15.57
C PRO A 254 -16.23 -2.86 -16.75
N PRO A 255 -17.17 -1.86 -16.68
CA PRO A 255 -17.36 -0.95 -17.81
C PRO A 255 -16.11 -0.17 -18.18
N HIS A 256 -15.89 0.04 -19.49
CA HIS A 256 -14.77 0.79 -20.08
C HIS A 256 -13.37 0.19 -19.78
N CYS A 257 -13.32 -1.08 -19.33
CA CYS A 257 -12.05 -1.77 -19.04
C CYS A 257 -11.66 -2.62 -20.24
N PRO A 258 -10.52 -2.35 -20.92
CA PRO A 258 -10.16 -3.18 -22.09
C PRO A 258 -9.75 -4.61 -21.77
N PRO A 259 -9.87 -5.55 -22.73
CA PRO A 259 -9.51 -6.97 -22.45
C PRO A 259 -8.08 -7.17 -21.98
N GLU A 260 -7.13 -6.29 -22.39
CA GLU A 260 -5.71 -6.34 -21.99
C GLU A 260 -5.60 -6.25 -20.46
N LEU A 261 -6.41 -5.39 -19.84
CA LEU A 261 -6.35 -5.21 -18.40
C LEU A 261 -7.15 -6.23 -17.64
N TYR A 262 -8.34 -6.62 -18.16
CA TYR A 262 -9.17 -7.63 -17.53
C TYR A 262 -8.50 -9.01 -17.59
N GLY A 263 -7.77 -9.24 -18.68
CA GLY A 263 -6.98 -10.46 -18.89
C GLY A 263 -5.93 -10.61 -17.80
N LEU A 264 -5.24 -9.50 -17.46
CA LEU A 264 -4.25 -9.48 -16.38
C LEU A 264 -4.92 -9.75 -15.04
N MET A 265 -6.11 -9.15 -14.78
CA MET A 265 -6.87 -9.41 -13.55
C MET A 265 -7.19 -10.91 -13.46
N ARG A 266 -7.66 -11.52 -14.57
CA ARG A 266 -7.99 -12.94 -14.61
C ARG A 266 -6.77 -13.83 -14.34
N GLU A 267 -5.58 -13.43 -14.84
CA GLU A 267 -4.34 -14.15 -14.59
C GLU A 267 -3.97 -14.09 -13.10
N CYS A 268 -4.14 -12.92 -12.45
CA CYS A 268 -3.87 -12.75 -11.01
C CYS A 268 -4.82 -13.62 -10.19
N TRP A 269 -6.02 -13.90 -10.73
CA TRP A 269 -7.03 -14.69 -10.04
C TRP A 269 -7.09 -16.17 -10.42
N HIS A 270 -6.01 -16.70 -11.02
CA HIS A 270 -5.99 -18.14 -11.30
C HIS A 270 -6.03 -18.85 -9.93
N ALA A 271 -6.84 -19.92 -9.81
CA ALA A 271 -6.99 -20.67 -8.55
C ALA A 271 -5.64 -21.19 -8.02
N ALA A 272 -4.79 -21.72 -8.93
CA ALA A 272 -3.48 -22.24 -8.52
C ALA A 272 -2.48 -21.09 -8.42
N PRO A 273 -1.83 -20.89 -7.24
CA PRO A 273 -0.86 -19.79 -7.10
C PRO A 273 0.29 -19.84 -8.13
N SER A 274 0.73 -21.05 -8.52
CA SER A 274 1.81 -21.24 -9.51
C SER A 274 1.41 -20.79 -10.92
N GLN A 275 0.09 -20.64 -11.19
CA GLN A 275 -0.42 -20.23 -12.50
C GLN A 275 -0.63 -18.71 -12.62
N ARG A 276 -0.44 -17.97 -11.50
CA ARG A 276 -0.57 -16.52 -11.48
C ARG A 276 0.72 -15.92 -11.97
N PRO A 277 0.71 -14.75 -12.63
CA PRO A 277 1.99 -14.15 -13.05
C PRO A 277 2.79 -13.69 -11.83
N THR A 278 4.08 -13.43 -12.00
CA THR A 278 4.90 -12.90 -10.92
C THR A 278 4.79 -11.37 -10.99
N PHE A 279 5.23 -10.64 -9.93
CA PHE A 279 5.25 -9.18 -9.98
C PHE A 279 6.12 -8.66 -11.13
N LYS A 280 7.23 -9.36 -11.41
CA LYS A 280 8.11 -9.06 -12.55
C LYS A 280 7.35 -9.14 -13.89
N GLN A 281 6.52 -10.18 -14.08
CA GLN A 281 5.74 -10.35 -15.32
C GLN A 281 4.65 -9.29 -15.43
N LEU A 282 4.02 -8.90 -14.31
CA LEU A 282 3.00 -7.85 -14.29
C LEU A 282 3.61 -6.48 -14.68
N VAL A 283 4.81 -6.20 -14.19
CA VAL A 283 5.55 -4.95 -14.49
C VAL A 283 5.77 -4.91 -16.01
N GLU A 284 6.28 -6.01 -16.58
CA GLU A 284 6.55 -6.12 -18.02
C GLU A 284 5.26 -6.01 -18.84
N ALA A 285 4.17 -6.65 -18.40
CA ALA A 285 2.89 -6.64 -19.12
C ALA A 285 2.26 -5.24 -19.16
N LEU A 286 2.28 -4.53 -18.01
CA LEU A 286 1.72 -3.19 -17.88
C LEU A 286 2.56 -2.18 -18.67
N ASP A 287 3.88 -2.40 -18.72
CA ASP A 287 4.77 -1.53 -19.49
C ASP A 287 4.47 -1.67 -20.99
N LYS A 288 4.13 -2.89 -21.45
CA LYS A 288 3.78 -3.15 -22.86
C LYS A 288 2.48 -2.41 -23.22
N VAL A 289 1.47 -2.47 -22.35
CA VAL A 289 0.19 -1.78 -22.54
C VAL A 289 0.44 -0.26 -22.66
N LEU A 290 1.21 0.31 -21.73
CA LEU A 290 1.54 1.73 -21.69
C LEU A 290 2.25 2.21 -22.96
N LEU A 291 3.29 1.47 -23.44
CA LEU A 291 4.00 1.79 -24.69
C LEU A 291 3.06 1.76 -25.92
N ALA A 292 2.14 0.78 -25.97
CA ALA A 292 1.19 0.62 -27.08
C ALA A 292 0.18 1.79 -27.16
N VAL A 293 -0.50 2.10 -26.04
CA VAL A 293 -1.51 3.16 -26.02
C VAL A 293 -0.92 4.58 -26.09
N SER A 294 0.20 4.81 -25.40
CA SER A 294 0.81 6.14 -25.35
C SER A 294 1.86 6.35 -26.43
#